data_3QU1
#
_entry.id   3QU1
#
_cell.length_a   74.296
_cell.length_b   74.296
_cell.length_c   127.219
_cell.angle_alpha   90.000
_cell.angle_beta   90.000
_cell.angle_gamma   90.000
#
_symmetry.space_group_name_H-M   'P 41 21 2'
#
loop_
_entity.id
_entity.type
_entity.pdbx_description
1 polymer 'Peptide deformylase 2'
2 non-polymer 'ZINC ION'
3 non-polymer 'CHLORIDE ION'
4 non-polymer 'SULFATE ION'
5 water water
#
_entity_poly.entity_id   1
_entity_poly.type   'polypeptide(L)'
_entity_poly.pdbx_seq_one_letter_code
;SNAMAVLEILTAPDPRLRVQSKQVTDVASVQTLIDDLLDTLYATDNGIGLAAPQVGREEAIVVIDLSDNRDQPLVLINPK
VVSGSNKEMGQEGCLSVPDYYADVERYTSVVVEALDREGKPLRIETSDFLAIVMQHEIDHLSGNLFIDYLSPLKQQMAMK
KVKKHVKNRAR
;
_entity_poly.pdbx_strand_id   A,B
#
# COMPACT_ATOMS: atom_id res chain seq x y z
N MET A 4 12.10 15.64 5.53
CA MET A 4 12.20 15.00 4.16
C MET A 4 10.93 14.32 3.68
N ALA A 5 9.81 15.00 3.78
CA ALA A 5 8.58 14.43 3.34
C ALA A 5 8.67 14.24 1.82
N VAL A 6 7.82 13.40 1.29
CA VAL A 6 7.67 13.34 -0.14
C VAL A 6 6.33 14.04 -0.42
N LEU A 7 6.03 14.25 -1.68
CA LEU A 7 4.73 14.86 -2.06
C LEU A 7 3.62 13.86 -1.82
N GLU A 8 2.44 14.37 -1.46
CA GLU A 8 1.24 13.49 -1.25
C GLU A 8 0.68 13.02 -2.59
N ILE A 9 0.43 11.71 -2.75
CA ILE A 9 -0.26 11.22 -3.93
C ILE A 9 -1.75 11.33 -3.68
N LEU A 10 -2.40 12.03 -4.58
CA LEU A 10 -3.80 12.28 -4.48
C LEU A 10 -4.60 11.05 -4.91
N THR A 11 -5.76 10.85 -4.28
CA THR A 11 -6.60 9.72 -4.55
C THR A 11 -7.92 10.22 -5.09
N ALA A 12 -8.48 9.41 -5.98
CA ALA A 12 -9.75 9.70 -6.64
C ALA A 12 -10.92 9.55 -5.67
N PRO A 13 -11.92 10.43 -5.79
CA PRO A 13 -12.05 11.45 -6.79
C PRO A 13 -11.29 12.74 -6.37
N ASP A 14 -10.71 13.43 -7.34
CA ASP A 14 -10.01 14.70 -7.07
C ASP A 14 -9.92 15.42 -8.39
N PRO A 15 -10.41 16.70 -8.48
CA PRO A 15 -10.38 17.39 -9.79
C PRO A 15 -9.00 17.57 -10.38
N ARG A 16 -7.98 17.53 -9.52
CA ARG A 16 -6.62 17.67 -9.95
C ARG A 16 -6.16 16.52 -10.82
N LEU A 17 -6.80 15.37 -10.68
CA LEU A 17 -6.49 14.18 -11.48
C LEU A 17 -7.09 14.28 -12.86
N ARG A 18 -7.96 15.26 -13.07
CA ARG A 18 -8.69 15.37 -14.34
C ARG A 18 -8.25 16.57 -15.21
N VAL A 19 -7.24 17.29 -14.76
CA VAL A 19 -6.71 18.42 -15.54
CA VAL A 19 -6.65 18.42 -15.52
C VAL A 19 -5.99 17.93 -16.78
N GLN A 20 -5.98 18.77 -17.82
CA GLN A 20 -5.09 18.60 -18.96
CA GLN A 20 -5.06 18.55 -18.95
C GLN A 20 -3.72 19.18 -18.61
N SER A 21 -2.68 18.37 -18.58
CA SER A 21 -1.35 18.88 -18.26
C SER A 21 -0.84 19.87 -19.35
N LYS A 22 0.04 20.75 -18.91
CA LYS A 22 0.61 21.80 -19.76
CA LYS A 22 0.60 21.81 -19.74
C LYS A 22 1.99 21.41 -20.20
N GLN A 23 2.32 21.71 -21.46
CA GLN A 23 3.64 21.39 -22.00
C GLN A 23 4.69 22.19 -21.24
N VAL A 24 5.80 21.53 -20.93
CA VAL A 24 6.99 22.17 -20.36
C VAL A 24 7.77 22.84 -21.47
N THR A 25 8.10 24.12 -21.29
CA THR A 25 8.95 24.80 -22.26
C THR A 25 10.30 25.17 -21.65
N ASP A 26 10.43 25.13 -20.33
CA ASP A 26 11.70 25.42 -19.64
C ASP A 26 12.11 24.25 -18.75
N VAL A 27 12.97 23.40 -19.26
CA VAL A 27 13.29 22.11 -18.65
C VAL A 27 14.07 22.34 -17.33
N ALA A 28 14.94 23.35 -17.33
CA ALA A 28 15.71 23.65 -16.14
C ALA A 28 14.80 24.01 -14.97
N SER A 29 13.65 24.60 -15.25
CA SER A 29 12.71 25.03 -14.20
C SER A 29 11.90 23.96 -13.49
N VAL A 30 11.89 22.72 -13.97
CA VAL A 30 11.10 21.66 -13.33
C VAL A 30 11.99 20.53 -12.79
N GLN A 31 13.27 20.78 -12.64
CA GLN A 31 14.18 19.78 -12.10
C GLN A 31 13.83 19.39 -10.67
N THR A 32 13.35 20.36 -9.87
N THR A 32 13.36 20.33 -9.84
CA THR A 32 12.97 20.10 -8.51
CA THR A 32 13.01 19.96 -8.48
C THR A 32 11.81 19.13 -8.51
C THR A 32 11.72 19.15 -8.42
N LEU A 33 10.79 19.43 -9.33
CA LEU A 33 9.58 18.58 -9.46
C LEU A 33 9.94 17.16 -9.88
N ILE A 34 10.85 17.06 -10.82
CA ILE A 34 11.27 15.75 -11.34
C ILE A 34 11.87 14.94 -10.21
N ASP A 35 12.73 15.56 -9.44
CA ASP A 35 13.31 14.86 -8.31
C ASP A 35 12.30 14.47 -7.23
N ASP A 36 11.40 15.40 -6.91
CA ASP A 36 10.36 15.14 -5.94
C ASP A 36 9.42 14.05 -6.41
N LEU A 37 9.11 14.03 -7.72
CA LEU A 37 8.32 12.91 -8.30
C LEU A 37 8.99 11.57 -8.11
N LEU A 38 10.27 11.52 -8.43
CA LEU A 38 11.01 10.28 -8.22
C LEU A 38 11.08 9.86 -6.75
N ASP A 39 11.33 10.80 -5.85
CA ASP A 39 11.36 10.47 -4.41
C ASP A 39 9.98 9.95 -3.97
N THR A 40 8.94 10.56 -4.47
CA THR A 40 7.55 10.14 -4.12
C THR A 40 7.29 8.75 -4.61
N LEU A 41 7.67 8.49 -5.84
CA LEU A 41 7.55 7.16 -6.43
C LEU A 41 8.36 6.14 -5.63
N TYR A 42 9.59 6.47 -5.29
CA TYR A 42 10.46 5.49 -4.59
C TYR A 42 9.98 5.28 -3.17
N ALA A 43 9.16 6.19 -2.65
CA ALA A 43 8.60 6.00 -1.31
C ALA A 43 7.38 5.10 -1.27
N THR A 44 6.78 4.81 -2.44
CA THR A 44 5.69 3.84 -2.52
C THR A 44 6.22 2.41 -2.34
N ASP A 45 5.36 1.52 -1.84
CA ASP A 45 5.74 0.11 -1.64
CA ASP A 45 5.72 0.10 -1.64
C ASP A 45 6.11 -0.54 -2.96
N ASN A 46 5.33 -0.27 -4.03
CA ASN A 46 5.59 -0.92 -5.31
C ASN A 46 5.14 -0.14 -6.55
N GLY A 47 5.18 1.18 -6.49
CA GLY A 47 4.77 1.97 -7.61
C GLY A 47 5.89 1.89 -8.59
N ILE A 48 5.53 1.88 -9.84
CA ILE A 48 6.50 1.89 -10.90
C ILE A 48 6.30 3.04 -11.86
N GLY A 49 5.19 3.79 -11.75
CA GLY A 49 5.00 4.99 -12.56
C GLY A 49 4.19 6.04 -11.87
N LEU A 50 4.59 7.30 -11.96
CA LEU A 50 3.83 8.39 -11.35
C LEU A 50 3.81 9.56 -12.31
N ALA A 51 2.65 10.16 -12.48
CA ALA A 51 2.48 11.31 -13.34
C ALA A 51 2.19 12.56 -12.50
N ALA A 52 2.65 13.72 -12.94
CA ALA A 52 2.52 14.96 -12.16
C ALA A 52 1.14 15.31 -11.62
N PRO A 53 0.06 15.10 -12.40
CA PRO A 53 -1.27 15.37 -11.84
C PRO A 53 -1.55 14.60 -10.55
N GLN A 54 -0.93 13.44 -10.37
CA GLN A 54 -1.17 12.64 -9.18
C GLN A 54 -0.58 13.28 -7.94
N VAL A 55 0.28 14.29 -8.11
CA VAL A 55 0.68 15.12 -6.95
C VAL A 55 0.13 16.57 -7.01
N GLY A 56 -0.86 16.82 -7.87
CA GLY A 56 -1.47 18.11 -7.95
C GLY A 56 -0.74 19.14 -8.77
N ARG A 57 0.15 18.69 -9.67
CA ARG A 57 0.97 19.54 -10.49
C ARG A 57 0.51 19.46 -11.93
N GLU A 58 0.68 20.56 -12.67
CA GLU A 58 0.10 20.78 -14.00
CA GLU A 58 0.08 20.59 -13.99
C GLU A 58 1.04 20.40 -15.13
N GLU A 59 2.32 20.27 -14.81
CA GLU A 59 3.36 19.98 -15.81
C GLU A 59 3.24 18.60 -16.46
N ALA A 60 3.48 18.52 -17.76
CA ALA A 60 3.41 17.23 -18.51
C ALA A 60 4.68 16.40 -18.29
N ILE A 61 4.75 15.75 -17.13
CA ILE A 61 5.93 15.00 -16.75
C ILE A 61 5.47 13.70 -16.11
N VAL A 62 6.14 12.62 -16.46
CA VAL A 62 5.90 11.31 -15.96
C VAL A 62 7.29 10.79 -15.53
N VAL A 63 7.32 10.03 -14.43
CA VAL A 63 8.53 9.26 -14.04
C VAL A 63 8.19 7.80 -13.85
N ILE A 64 9.09 6.93 -14.31
CA ILE A 64 8.92 5.46 -14.31
C ILE A 64 10.20 4.81 -13.84
N ASP A 65 10.06 3.75 -13.06
CA ASP A 65 11.18 2.89 -12.80
C ASP A 65 10.67 1.47 -12.56
N LEU A 66 11.00 0.65 -13.54
CA LEU A 66 10.59 -0.73 -13.63
C LEU A 66 11.56 -1.68 -12.94
N SER A 67 12.70 -1.17 -12.45
CA SER A 67 13.76 -2.06 -11.99
C SER A 67 13.50 -2.56 -10.56
N ASP A 68 13.99 -3.77 -10.27
CA ASP A 68 13.88 -4.34 -8.92
CA ASP A 68 13.91 -4.38 -8.94
C ASP A 68 14.62 -3.44 -7.95
N ASN A 69 15.82 -3.03 -8.33
CA ASN A 69 16.68 -2.15 -7.48
C ASN A 69 16.22 -0.70 -7.31
N ARG A 70 15.36 -0.22 -8.22
CA ARG A 70 14.89 1.16 -8.25
C ARG A 70 15.99 2.19 -8.53
N ASP A 71 16.88 1.80 -9.45
CA ASP A 71 17.99 2.63 -9.89
C ASP A 71 17.98 2.82 -11.40
N GLN A 72 16.79 2.68 -12.02
CA GLN A 72 16.67 2.88 -13.47
C GLN A 72 15.55 3.89 -13.77
N PRO A 73 15.74 5.14 -13.34
CA PRO A 73 14.67 6.11 -13.54
C PRO A 73 14.53 6.47 -15.00
N LEU A 74 13.30 6.54 -15.46
CA LEU A 74 12.96 7.06 -16.79
C LEU A 74 12.08 8.28 -16.60
N VAL A 75 12.54 9.41 -17.08
CA VAL A 75 11.84 10.66 -16.99
C VAL A 75 11.36 11.04 -18.36
N LEU A 76 10.05 11.25 -18.51
CA LEU A 76 9.41 11.61 -19.77
C LEU A 76 8.75 12.98 -19.59
N ILE A 77 9.30 14.00 -20.26
CA ILE A 77 8.72 15.34 -20.32
C ILE A 77 8.01 15.48 -21.65
N ASN A 78 6.82 16.10 -21.63
CA ASN A 78 5.95 16.23 -22.79
C ASN A 78 5.78 14.94 -23.63
N PRO A 79 5.57 13.78 -22.97
CA PRO A 79 5.40 12.53 -23.71
C PRO A 79 4.11 12.45 -24.52
N LYS A 80 4.20 11.71 -25.64
CA LYS A 80 3.08 11.50 -26.55
CA LYS A 80 3.02 11.43 -26.44
C LYS A 80 3.21 10.08 -27.08
N VAL A 81 2.10 9.36 -27.18
CA VAL A 81 2.08 8.09 -27.87
C VAL A 81 1.98 8.40 -29.37
N VAL A 82 2.99 8.02 -30.13
CA VAL A 82 2.99 8.36 -31.54
C VAL A 82 2.27 7.23 -32.34
N SER A 83 2.45 5.98 -31.94
CA SER A 83 1.85 4.86 -32.57
C SER A 83 1.83 3.64 -31.67
N GLY A 84 1.04 2.65 -32.05
CA GLY A 84 1.10 1.38 -31.37
C GLY A 84 0.25 0.34 -32.06
N SER A 85 0.41 -0.90 -31.65
CA SER A 85 -0.30 -2.03 -32.26
C SER A 85 -0.46 -3.18 -31.29
N ASN A 86 -1.27 -4.19 -31.68
CA ASN A 86 -1.48 -5.41 -30.89
C ASN A 86 -2.06 -5.09 -29.53
N LYS A 87 -3.29 -4.64 -29.56
CA LYS A 87 -4.07 -4.39 -28.38
C LYS A 87 -4.36 -5.69 -27.62
N GLU A 88 -4.17 -5.66 -26.29
CA GLU A 88 -4.48 -6.78 -25.43
C GLU A 88 -5.00 -6.22 -24.09
N MET A 89 -5.89 -6.98 -23.45
CA MET A 89 -6.31 -6.72 -22.07
C MET A 89 -5.21 -7.12 -21.11
N GLY A 90 -5.03 -6.30 -20.07
CA GLY A 90 -4.02 -6.60 -19.07
C GLY A 90 -4.46 -5.90 -17.79
N GLN A 91 -4.16 -6.50 -16.67
CA GLN A 91 -4.55 -5.93 -15.37
C GLN A 91 -3.72 -4.71 -15.08
N GLU A 92 -4.38 -3.65 -14.59
CA GLU A 92 -3.68 -2.50 -14.08
C GLU A 92 -4.20 -2.11 -12.73
N GLY A 93 -3.34 -1.38 -12.01
CA GLY A 93 -3.74 -0.59 -10.86
C GLY A 93 -3.25 0.82 -11.00
N CYS A 94 -3.42 1.62 -9.95
CA CYS A 94 -2.97 2.98 -10.00
C CYS A 94 -2.76 3.52 -8.58
N LEU A 95 -1.65 4.20 -8.34
CA LEU A 95 -1.40 4.82 -7.02
C LEU A 95 -2.53 5.80 -6.60
N SER A 96 -3.21 6.40 -7.58
CA SER A 96 -4.31 7.31 -7.25
C SER A 96 -5.70 6.65 -7.20
N VAL A 97 -5.77 5.35 -7.50
CA VAL A 97 -6.98 4.54 -7.33
C VAL A 97 -6.58 3.30 -6.53
N PRO A 98 -6.10 3.52 -5.31
CA PRO A 98 -5.54 2.37 -4.55
C PRO A 98 -6.51 1.26 -4.26
N ASP A 99 -6.00 0.05 -4.35
CA ASP A 99 -6.68 -1.16 -3.93
C ASP A 99 -7.75 -1.62 -4.93
N TYR A 100 -7.77 -1.06 -6.11
CA TYR A 100 -8.64 -1.53 -7.18
C TYR A 100 -7.86 -1.93 -8.42
N TYR A 101 -8.10 -3.12 -8.89
CA TYR A 101 -7.38 -3.67 -10.04
C TYR A 101 -8.36 -4.15 -11.08
N ALA A 102 -8.09 -3.87 -12.35
CA ALA A 102 -8.95 -4.35 -13.41
C ALA A 102 -8.21 -4.49 -14.68
N ASP A 103 -8.83 -5.23 -15.61
CA ASP A 103 -8.26 -5.38 -16.95
C ASP A 103 -8.66 -4.24 -17.87
N VAL A 104 -7.67 -3.72 -18.58
CA VAL A 104 -7.75 -2.53 -19.42
CA VAL A 104 -7.92 -2.64 -19.50
C VAL A 104 -7.08 -2.88 -20.74
N GLU A 105 -7.54 -2.32 -21.86
CA GLU A 105 -6.90 -2.58 -23.13
C GLU A 105 -5.81 -1.56 -23.39
N ARG A 106 -4.63 -2.05 -23.79
CA ARG A 106 -3.53 -1.18 -24.23
C ARG A 106 -2.85 -1.80 -25.45
N TYR A 107 -2.10 -1.00 -26.19
CA TYR A 107 -1.19 -1.55 -27.22
C TYR A 107 -0.08 -2.26 -26.51
N THR A 108 0.29 -3.46 -26.97
CA THR A 108 1.39 -4.15 -26.33
C THR A 108 2.71 -3.78 -26.99
N SER A 109 2.62 -3.12 -28.16
CA SER A 109 3.75 -2.50 -28.87
C SER A 109 3.47 -1.03 -29.04
N VAL A 110 4.45 -0.20 -28.69
CA VAL A 110 4.19 1.20 -28.68
C VAL A 110 5.40 2.00 -29.08
N VAL A 111 5.14 3.16 -29.70
CA VAL A 111 6.15 4.20 -29.85
C VAL A 111 5.79 5.48 -29.10
N VAL A 112 6.68 5.91 -28.22
CA VAL A 112 6.53 7.13 -27.46
C VAL A 112 7.67 8.11 -27.80
N GLU A 113 7.31 9.38 -27.95
CA GLU A 113 8.27 10.46 -28.08
C GLU A 113 8.10 11.40 -26.87
N ALA A 114 9.23 11.89 -26.37
CA ALA A 114 9.27 12.76 -25.23
C ALA A 114 10.60 13.50 -25.21
N LEU A 115 10.81 14.29 -24.16
CA LEU A 115 12.11 14.80 -23.82
C LEU A 115 12.60 14.13 -22.57
N ASP A 116 13.92 13.93 -22.43
CA ASP A 116 14.45 13.45 -21.17
C ASP A 116 14.65 14.65 -20.24
N ARG A 117 15.20 14.44 -19.05
CA ARG A 117 15.21 15.52 -18.05
C ARG A 117 16.19 16.63 -18.41
N GLU A 118 17.03 16.35 -19.40
CA GLU A 118 17.95 17.35 -19.93
C GLU A 118 17.35 18.07 -21.12
N GLY A 119 16.14 17.66 -21.53
CA GLY A 119 15.45 18.28 -22.67
C GLY A 119 15.85 17.71 -24.03
N LYS A 120 16.57 16.61 -24.01
CA LYS A 120 17.00 15.96 -25.23
C LYS A 120 15.90 15.03 -25.72
N PRO A 121 15.67 15.01 -27.05
CA PRO A 121 14.69 14.13 -27.63
C PRO A 121 14.94 12.67 -27.28
N LEU A 122 13.83 11.99 -27.04
CA LEU A 122 13.77 10.58 -26.69
CA LEU A 122 13.79 10.60 -26.68
C LEU A 122 12.74 9.95 -27.59
N ARG A 123 13.06 8.83 -28.20
CA ARG A 123 12.07 8.04 -28.94
C ARG A 123 12.17 6.61 -28.46
N ILE A 124 11.10 6.10 -27.86
CA ILE A 124 11.13 4.77 -27.25
C ILE A 124 10.17 3.89 -27.99
N GLU A 125 10.69 2.81 -28.53
N GLU A 125 10.67 2.81 -28.58
CA GLU A 125 9.93 1.84 -29.29
CA GLU A 125 9.84 1.83 -29.29
C GLU A 125 10.02 0.53 -28.48
C GLU A 125 9.96 0.46 -28.61
N THR A 126 8.89 0.04 -27.93
CA THR A 126 9.00 -1.14 -27.06
C THR A 126 7.80 -2.04 -27.13
N SER A 127 8.07 -3.33 -26.94
CA SER A 127 7.07 -4.37 -26.87
C SER A 127 7.07 -5.00 -25.51
N ASP A 128 7.88 -4.46 -24.59
CA ASP A 128 8.02 -4.98 -23.25
C ASP A 128 6.96 -4.32 -22.38
N PHE A 129 6.92 -4.72 -21.12
CA PHE A 129 5.88 -4.20 -20.22
C PHE A 129 5.90 -2.67 -20.09
N LEU A 130 7.04 -2.08 -20.32
CA LEU A 130 7.16 -0.63 -20.32
C LEU A 130 6.11 0.03 -21.23
N ALA A 131 5.75 -0.63 -22.33
CA ALA A 131 4.73 -0.06 -23.21
C ALA A 131 3.44 0.26 -22.47
N ILE A 132 3.03 -0.67 -21.62
CA ILE A 132 1.78 -0.58 -20.91
C ILE A 132 1.92 0.53 -19.89
N VAL A 133 3.03 0.53 -19.16
CA VAL A 133 3.23 1.53 -18.12
C VAL A 133 3.25 2.95 -18.71
N MET A 134 3.90 3.10 -19.87
CA MET A 134 3.98 4.39 -20.49
C MET A 134 2.60 4.87 -20.89
N GLN A 135 1.78 3.99 -21.44
CA GLN A 135 0.43 4.38 -21.85
C GLN A 135 -0.43 4.83 -20.66
N HIS A 136 -0.32 4.09 -19.56
CA HIS A 136 -1.08 4.39 -18.34
C HIS A 136 -0.66 5.76 -17.82
N GLU A 137 0.63 6.03 -17.81
CA GLU A 137 1.11 7.26 -17.18
C GLU A 137 0.85 8.49 -18.05
N ILE A 138 1.06 8.33 -19.37
CA ILE A 138 0.70 9.36 -20.32
C ILE A 138 -0.79 9.73 -20.27
N ASP A 139 -1.65 8.73 -20.09
CA ASP A 139 -3.09 8.92 -19.91
CA ASP A 139 -3.09 8.97 -19.96
C ASP A 139 -3.39 9.91 -18.77
N HIS A 140 -2.62 9.85 -17.69
CA HIS A 140 -2.83 10.79 -16.56
C HIS A 140 -2.70 12.28 -17.01
N LEU A 141 -1.83 12.54 -18.01
CA LEU A 141 -1.55 13.93 -18.45
C LEU A 141 -2.70 14.46 -19.29
N SER A 142 -3.56 13.55 -19.74
CA SER A 142 -4.84 13.92 -20.39
C SER A 142 -5.99 13.89 -19.42
N GLY A 143 -5.69 13.69 -18.14
CA GLY A 143 -6.72 13.72 -17.13
C GLY A 143 -7.54 12.45 -17.10
N ASN A 144 -6.94 11.34 -17.54
CA ASN A 144 -7.60 10.07 -17.59
C ASN A 144 -7.05 9.06 -16.58
N LEU A 145 -7.98 8.34 -15.92
CA LEU A 145 -7.62 7.24 -15.02
C LEU A 145 -7.99 5.93 -15.69
N PHE A 146 -7.29 4.85 -15.36
CA PHE A 146 -7.60 3.56 -16.05
C PHE A 146 -9.03 3.10 -15.88
N ILE A 147 -9.67 3.43 -14.75
CA ILE A 147 -11.07 3.04 -14.52
C ILE A 147 -12.02 3.68 -15.51
N ASP A 148 -11.58 4.69 -16.25
CA ASP A 148 -12.44 5.38 -17.20
C ASP A 148 -12.85 4.45 -18.36
N TYR A 149 -12.07 3.41 -18.61
CA TYR A 149 -12.37 2.43 -19.68
C TYR A 149 -13.34 1.35 -19.23
N LEU A 150 -13.77 1.41 -17.97
CA LEU A 150 -14.62 0.41 -17.35
C LEU A 150 -16.05 0.95 -17.33
N SER A 151 -16.99 0.05 -17.07
CA SER A 151 -18.38 0.45 -16.94
C SER A 151 -18.56 1.41 -15.76
N PRO A 152 -19.61 2.26 -15.80
CA PRO A 152 -19.92 3.17 -14.70
C PRO A 152 -20.09 2.43 -13.37
N LEU A 153 -20.60 1.19 -13.43
CA LEU A 153 -20.73 0.38 -12.22
C LEU A 153 -19.38 -0.04 -11.65
N LYS A 154 -18.43 -0.43 -12.50
CA LYS A 154 -17.10 -0.81 -12.00
C LYS A 154 -16.38 0.41 -11.47
N GLN A 155 -16.61 1.56 -12.12
CA GLN A 155 -16.06 2.83 -11.62
C GLN A 155 -16.57 3.13 -10.21
N GLN A 156 -17.87 2.95 -9.99
CA GLN A 156 -18.48 3.16 -8.69
C GLN A 156 -17.87 2.22 -7.65
N MET A 157 -17.66 0.96 -8.03
N MET A 157 -17.68 0.95 -8.03
CA MET A 157 -17.02 -0.01 -7.12
CA MET A 157 -17.02 -0.04 -7.16
C MET A 157 -15.57 0.40 -6.79
C MET A 157 -15.61 0.40 -6.80
N ALA A 158 -14.84 0.85 -7.80
CA ALA A 158 -13.49 1.36 -7.59
C ALA A 158 -13.47 2.48 -6.57
N MET A 159 -14.38 3.42 -6.71
CA MET A 159 -14.42 4.51 -5.76
C MET A 159 -14.69 4.04 -4.37
N LYS A 160 -15.54 3.00 -4.24
CA LYS A 160 -15.90 2.42 -2.94
CA LYS A 160 -15.88 2.53 -2.91
C LYS A 160 -14.67 1.80 -2.26
N LYS A 161 -13.87 1.11 -3.05
CA LYS A 161 -12.67 0.44 -2.53
C LYS A 161 -11.62 1.46 -2.13
N VAL A 162 -11.48 2.51 -2.92
CA VAL A 162 -10.55 3.60 -2.58
C VAL A 162 -10.95 4.20 -1.29
N LYS A 163 -12.26 4.49 -1.14
CA LYS A 163 -12.73 5.07 0.11
C LYS A 163 -12.50 4.19 1.33
N LYS A 164 -12.69 2.87 1.21
CA LYS A 164 -12.38 1.98 2.34
C LYS A 164 -10.92 2.11 2.74
N HIS A 165 -10.06 2.22 1.74
CA HIS A 165 -8.62 2.25 1.98
C HIS A 165 -8.29 3.53 2.73
N VAL A 166 -8.85 4.62 2.21
CA VAL A 166 -8.57 5.98 2.74
C VAL A 166 -9.05 6.10 4.18
N LYS A 167 -10.25 5.61 4.45
CA LYS A 167 -10.83 5.71 5.77
CA LYS A 167 -10.90 5.64 5.76
C LYS A 167 -10.28 4.69 6.77
N ASN A 168 -9.71 3.58 6.32
CA ASN A 168 -9.31 2.57 7.27
C ASN A 168 -8.28 3.05 8.28
N ARG A 169 -8.32 2.46 9.47
CA ARG A 169 -7.29 2.69 10.51
CA ARG A 169 -7.23 2.70 10.43
C ARG A 169 -6.54 1.41 10.86
N ALA A 170 -7.30 0.36 11.26
CA ALA A 170 -6.69 -0.92 11.72
C ALA A 170 -5.93 -1.62 10.60
N ARG A 171 -4.61 -1.72 10.75
CA ARG A 171 -3.78 -2.57 9.89
C ARG A 171 -2.60 -3.11 10.75
N ALA B 5 18.15 -4.76 4.73
CA ALA B 5 16.99 -5.58 4.24
C ALA B 5 15.95 -5.88 5.36
N VAL B 6 14.91 -5.02 5.46
CA VAL B 6 13.89 -5.21 6.51
C VAL B 6 13.16 -6.51 6.19
N LEU B 7 12.54 -7.11 7.18
CA LEU B 7 11.86 -8.38 6.95
C LEU B 7 10.64 -8.10 6.09
N GLU B 8 10.29 -9.04 5.23
CA GLU B 8 9.13 -8.89 4.41
C GLU B 8 7.88 -9.42 5.11
N ILE B 9 6.78 -8.73 4.88
CA ILE B 9 5.46 -9.15 5.40
C ILE B 9 4.81 -10.19 4.47
N LEU B 10 4.42 -11.29 5.06
CA LEU B 10 3.78 -12.38 4.36
C LEU B 10 2.34 -12.07 4.05
N THR B 11 1.86 -12.64 2.95
CA THR B 11 0.45 -12.46 2.59
C THR B 11 -0.25 -13.77 2.49
N ALA B 12 -1.54 -13.75 2.80
CA ALA B 12 -2.34 -14.97 2.80
C ALA B 12 -2.55 -15.41 1.36
N PRO B 13 -2.46 -16.72 1.09
CA PRO B 13 -2.23 -17.81 2.01
C PRO B 13 -0.77 -18.08 2.19
N ASP B 14 -0.36 -18.34 3.43
CA ASP B 14 1.00 -18.73 3.74
C ASP B 14 0.89 -19.51 5.04
N PRO B 15 1.42 -20.74 5.06
CA PRO B 15 1.19 -21.55 6.24
C PRO B 15 1.78 -20.95 7.50
N ARG B 16 2.79 -20.10 7.36
CA ARG B 16 3.37 -19.44 8.52
C ARG B 16 2.42 -18.51 9.25
N LEU B 17 1.45 -17.98 8.51
CA LEU B 17 0.37 -17.17 9.14
C LEU B 17 -0.61 -18.00 9.99
N ARG B 18 -0.53 -19.31 9.91
CA ARG B 18 -1.50 -20.22 10.54
C ARG B 18 -0.90 -21.08 11.67
N VAL B 19 0.35 -20.84 11.99
CA VAL B 19 1.06 -21.60 13.01
C VAL B 19 0.67 -20.95 14.34
N GLN B 20 0.56 -21.77 15.37
N GLN B 20 0.50 -21.75 15.38
CA GLN B 20 0.40 -21.30 16.75
CA GLN B 20 0.34 -21.23 16.75
C GLN B 20 1.73 -20.80 17.31
C GLN B 20 1.68 -20.81 17.34
N SER B 21 1.76 -19.56 17.78
CA SER B 21 2.98 -18.99 18.28
C SER B 21 3.40 -19.65 19.59
N LYS B 22 4.68 -19.53 19.92
CA LYS B 22 5.26 -20.14 21.11
C LYS B 22 5.64 -19.04 22.09
N GLN B 23 5.40 -19.30 23.37
CA GLN B 23 5.74 -18.38 24.40
C GLN B 23 7.25 -18.15 24.43
N VAL B 24 7.59 -16.92 24.71
CA VAL B 24 8.97 -16.50 24.88
C VAL B 24 9.33 -16.70 26.33
N THR B 25 10.41 -17.46 26.58
CA THR B 25 10.87 -17.66 27.92
C THR B 25 12.12 -16.84 28.29
N ASP B 26 12.80 -16.29 27.27
CA ASP B 26 14.08 -15.62 27.42
C ASP B 26 14.00 -14.37 26.61
N VAL B 27 13.59 -13.30 27.26
CA VAL B 27 13.31 -12.04 26.60
C VAL B 27 14.56 -11.48 25.94
N ALA B 28 15.73 -11.67 26.57
CA ALA B 28 16.98 -11.19 26.01
C ALA B 28 17.29 -11.79 24.65
N SER B 29 16.83 -12.99 24.37
CA SER B 29 17.08 -13.65 23.07
C SER B 29 16.29 -13.13 21.86
N VAL B 30 15.29 -12.29 22.12
CA VAL B 30 14.36 -11.88 21.02
C VAL B 30 14.47 -10.40 20.73
N GLN B 31 15.56 -9.77 21.19
CA GLN B 31 15.70 -8.31 21.03
C GLN B 31 15.89 -7.92 19.57
N THR B 32 16.65 -8.71 18.83
CA THR B 32 16.82 -8.48 17.39
C THR B 32 15.51 -8.57 16.65
N LEU B 33 14.72 -9.58 16.98
CA LEU B 33 13.48 -9.79 16.32
C LEU B 33 12.56 -8.62 16.61
N ILE B 34 12.55 -8.17 17.86
CA ILE B 34 11.72 -7.00 18.23
C ILE B 34 12.09 -5.76 17.42
N ASP B 35 13.37 -5.50 17.28
CA ASP B 35 13.81 -4.35 16.48
C ASP B 35 13.51 -4.52 15.00
N ASP B 36 13.62 -5.75 14.51
CA ASP B 36 13.30 -6.01 13.15
C ASP B 36 11.78 -5.86 12.88
N LEU B 37 10.94 -6.30 13.83
CA LEU B 37 9.49 -6.14 13.72
C LEU B 37 9.10 -4.69 13.68
N LEU B 38 9.74 -3.89 14.52
CA LEU B 38 9.49 -2.45 14.50
C LEU B 38 9.97 -1.83 13.16
N ASP B 39 11.14 -2.21 12.64
CA ASP B 39 11.62 -1.66 11.36
C ASP B 39 10.66 -1.99 10.25
N THR B 40 10.19 -3.24 10.23
CA THR B 40 9.23 -3.67 9.21
C THR B 40 7.92 -2.87 9.35
N LEU B 41 7.43 -2.71 10.57
CA LEU B 41 6.20 -1.97 10.81
C LEU B 41 6.35 -0.56 10.21
N TYR B 42 7.45 0.07 10.58
CA TYR B 42 7.63 1.48 10.22
C TYR B 42 7.95 1.69 8.70
N ALA B 43 8.30 0.62 8.03
CA ALA B 43 8.60 0.66 6.57
C ALA B 43 7.33 0.61 5.76
N THR B 44 6.23 0.23 6.40
CA THR B 44 4.92 0.27 5.76
C THR B 44 4.39 1.69 5.70
N ASP B 45 3.49 1.90 4.73
CA ASP B 45 2.82 3.18 4.53
CA ASP B 45 2.89 3.21 4.56
C ASP B 45 2.06 3.61 5.77
N ASN B 46 1.16 2.73 6.17
CA ASN B 46 0.11 3.05 7.13
CA ASN B 46 0.10 3.06 7.14
C ASN B 46 -0.05 1.98 8.22
N GLY B 47 0.93 1.09 8.34
CA GLY B 47 0.80 -0.04 9.28
C GLY B 47 0.79 0.48 10.71
N ILE B 48 -0.08 -0.08 11.51
CA ILE B 48 -0.10 0.27 12.92
CA ILE B 48 -0.28 0.24 12.92
C ILE B 48 0.10 -0.91 13.87
N GLY B 49 -0.03 -2.15 13.39
CA GLY B 49 0.29 -3.30 14.24
C GLY B 49 0.86 -4.44 13.40
N LEU B 50 1.82 -5.16 13.96
CA LEU B 50 2.45 -6.24 13.24
C LEU B 50 2.69 -7.34 14.23
N ALA B 51 2.34 -8.55 13.88
CA ALA B 51 2.60 -9.72 14.74
C ALA B 51 3.70 -10.59 14.13
N ALA B 52 4.45 -11.32 14.95
CA ALA B 52 5.66 -12.10 14.45
C ALA B 52 5.32 -13.12 13.31
N PRO B 53 4.11 -13.77 13.32
CA PRO B 53 3.83 -14.70 12.22
C PRO B 53 3.76 -13.99 10.87
N GLN B 54 3.49 -12.68 10.86
CA GLN B 54 3.47 -11.90 9.63
C GLN B 54 4.85 -11.70 9.00
N VAL B 55 5.92 -12.01 9.74
CA VAL B 55 7.25 -12.02 9.11
C VAL B 55 7.83 -13.44 9.10
N GLY B 56 6.98 -14.41 9.37
CA GLY B 56 7.37 -15.82 9.39
C GLY B 56 8.02 -16.34 10.66
N ARG B 57 7.82 -15.68 11.79
CA ARG B 57 8.46 -16.09 13.05
C ARG B 57 7.42 -16.62 14.03
N GLU B 58 7.81 -17.60 14.83
CA GLU B 58 6.88 -18.27 15.74
CA GLU B 58 6.87 -18.26 15.75
C GLU B 58 6.83 -17.67 17.14
N GLU B 59 7.76 -16.78 17.47
CA GLU B 59 7.74 -16.19 18.81
C GLU B 59 6.51 -15.35 19.09
N ALA B 60 5.94 -15.46 20.28
CA ALA B 60 4.70 -14.70 20.61
C ALA B 60 4.99 -13.24 20.88
N ILE B 61 5.07 -12.43 19.83
CA ILE B 61 5.47 -11.06 19.94
C ILE B 61 4.65 -10.23 18.94
N VAL B 62 4.11 -9.14 19.44
CA VAL B 62 3.40 -8.14 18.69
C VAL B 62 4.05 -6.78 18.91
N VAL B 63 4.04 -5.97 17.86
CA VAL B 63 4.43 -4.56 17.98
C VAL B 63 3.33 -3.69 17.39
N ILE B 64 3.08 -2.55 18.05
CA ILE B 64 1.99 -1.66 17.67
C ILE B 64 2.48 -0.24 17.83
N ASP B 65 2.10 0.64 16.91
CA ASP B 65 2.31 2.08 17.15
C ASP B 65 1.14 2.79 16.53
N LEU B 66 0.36 3.39 17.40
CA LEU B 66 -0.84 4.06 16.95
CA LEU B 66 -0.85 4.07 16.98
C LEU B 66 -0.62 5.56 16.84
N SER B 67 0.60 6.05 17.11
CA SER B 67 0.81 7.52 17.19
C SER B 67 0.92 8.14 15.81
N ASP B 68 0.54 9.41 15.67
CA ASP B 68 0.69 10.09 14.39
C ASP B 68 2.16 10.20 14.03
N ASN B 69 3.01 10.45 15.04
CA ASN B 69 4.41 10.70 14.72
C ASN B 69 5.21 9.39 14.51
N ARG B 70 4.59 8.25 14.84
CA ARG B 70 5.24 6.93 14.75
C ARG B 70 6.47 6.79 15.63
N ASP B 71 6.39 7.33 16.83
CA ASP B 71 7.50 7.31 17.78
C ASP B 71 7.04 6.83 19.14
N GLN B 72 5.99 6.00 19.16
CA GLN B 72 5.41 5.47 20.37
CA GLN B 72 5.42 5.46 20.38
C GLN B 72 5.22 3.94 20.25
N PRO B 73 6.32 3.18 20.12
CA PRO B 73 6.27 1.71 20.00
C PRO B 73 5.70 1.06 21.28
N LEU B 74 4.78 0.14 21.07
CA LEU B 74 4.30 -0.74 22.12
C LEU B 74 4.67 -2.15 21.71
N VAL B 75 5.49 -2.79 22.53
CA VAL B 75 5.93 -4.16 22.31
C VAL B 75 5.23 -5.05 23.36
N LEU B 76 4.59 -6.10 22.87
CA LEU B 76 3.87 -7.07 23.68
C LEU B 76 4.41 -8.42 23.46
N ILE B 77 4.98 -8.95 24.52
CA ILE B 77 5.53 -10.29 24.52
C ILE B 77 4.57 -11.16 25.28
N ASN B 78 4.30 -12.34 24.72
CA ASN B 78 3.35 -13.29 25.30
C ASN B 78 2.03 -12.64 25.69
N PRO B 79 1.44 -11.85 24.78
CA PRO B 79 0.18 -11.20 25.12
C PRO B 79 -1.03 -12.12 25.17
N LYS B 80 -1.91 -11.82 26.12
CA LYS B 80 -3.21 -12.49 26.20
CA LYS B 80 -3.20 -12.52 26.29
C LYS B 80 -4.34 -11.53 26.54
N VAL B 81 -5.49 -11.77 25.94
CA VAL B 81 -6.68 -11.02 26.29
C VAL B 81 -7.24 -11.69 27.52
N VAL B 82 -7.28 -10.96 28.61
CA VAL B 82 -7.76 -11.51 29.89
C VAL B 82 -9.24 -11.24 30.14
N SER B 83 -9.74 -10.14 29.60
CA SER B 83 -11.17 -9.86 29.66
C SER B 83 -11.55 -8.79 28.65
N GLY B 84 -12.86 -8.62 28.51
CA GLY B 84 -13.38 -7.70 27.52
C GLY B 84 -14.86 -7.50 27.67
N SER B 85 -15.33 -6.37 27.15
CA SER B 85 -16.76 -6.07 27.17
C SER B 85 -17.14 -5.18 25.98
N ASN B 86 -18.43 -4.99 25.79
CA ASN B 86 -18.95 -4.04 24.82
CA ASN B 86 -19.03 -4.10 24.77
C ASN B 86 -18.59 -4.41 23.36
N LYS B 87 -19.12 -5.52 22.87
CA LYS B 87 -18.93 -5.94 21.50
C LYS B 87 -19.53 -4.96 20.50
N GLU B 88 -18.71 -4.57 19.50
CA GLU B 88 -19.14 -3.70 18.40
C GLU B 88 -18.43 -4.13 17.12
N MET B 89 -19.09 -3.84 16.01
CA MET B 89 -18.50 -3.99 14.68
C MET B 89 -17.66 -2.76 14.33
N GLY B 90 -16.55 -3.00 13.64
CA GLY B 90 -15.68 -2.00 13.18
C GLY B 90 -14.81 -2.51 12.03
N GLN B 91 -14.48 -1.61 11.12
CA GLN B 91 -13.76 -2.01 9.91
C GLN B 91 -12.29 -2.31 10.28
N GLU B 92 -11.77 -3.38 9.71
CA GLU B 92 -10.34 -3.70 9.87
C GLU B 92 -9.72 -3.98 8.53
N GLY B 93 -8.40 -3.80 8.46
CA GLY B 93 -7.59 -4.37 7.38
C GLY B 93 -6.43 -5.13 8.03
N CYS B 94 -5.50 -5.60 7.22
CA CYS B 94 -4.32 -6.30 7.71
C CYS B 94 -3.26 -6.26 6.58
N LEU B 95 -2.00 -5.99 6.91
CA LEU B 95 -0.91 -5.95 5.98
C LEU B 95 -0.71 -7.33 5.30
N SER B 96 -1.18 -8.40 5.99
CA SER B 96 -1.11 -9.76 5.44
C SER B 96 -2.34 -10.17 4.58
N VAL B 97 -3.37 -9.32 4.54
CA VAL B 97 -4.54 -9.48 3.66
C VAL B 97 -4.68 -8.14 2.92
N PRO B 98 -3.67 -7.80 2.11
CA PRO B 98 -3.65 -6.43 1.57
C PRO B 98 -4.87 -6.10 0.71
N ASP B 99 -5.38 -4.89 0.93
CA ASP B 99 -6.33 -4.20 0.07
C ASP B 99 -7.77 -4.60 0.34
N TYR B 100 -7.97 -5.43 1.36
CA TYR B 100 -9.32 -5.92 1.67
C TYR B 100 -9.68 -5.42 3.07
N TYR B 101 -10.83 -4.76 3.17
CA TYR B 101 -11.33 -4.24 4.44
C TYR B 101 -12.75 -4.73 4.70
N ALA B 102 -13.05 -5.05 5.94
CA ALA B 102 -14.39 -5.50 6.28
C ALA B 102 -14.65 -5.29 7.74
N ASP B 103 -15.94 -5.32 8.10
CA ASP B 103 -16.28 -5.12 9.48
C ASP B 103 -16.17 -6.41 10.29
N VAL B 104 -15.58 -6.30 11.48
CA VAL B 104 -15.30 -7.41 12.37
C VAL B 104 -15.77 -7.04 13.75
N GLU B 105 -16.35 -7.98 14.48
CA GLU B 105 -16.78 -7.73 15.87
C GLU B 105 -15.59 -7.87 16.80
N ARG B 106 -15.43 -6.89 17.71
CA ARG B 106 -14.45 -6.99 18.75
C ARG B 106 -15.03 -6.44 20.03
N TYR B 107 -14.38 -6.74 21.15
CA TYR B 107 -14.64 -6.05 22.38
C TYR B 107 -14.12 -4.62 22.22
N THR B 108 -14.93 -3.62 22.57
CA THR B 108 -14.42 -2.25 22.46
C THR B 108 -13.76 -1.79 23.77
N SER B 109 -13.90 -2.60 24.83
CA SER B 109 -13.14 -2.46 26.05
C SER B 109 -12.44 -3.77 26.33
N VAL B 110 -11.18 -3.73 26.69
CA VAL B 110 -10.37 -4.93 26.84
C VAL B 110 -9.29 -4.76 27.90
N VAL B 111 -8.88 -5.89 28.45
CA VAL B 111 -7.70 -5.96 29.29
C VAL B 111 -6.80 -7.05 28.72
N VAL B 112 -5.54 -6.66 28.49
CA VAL B 112 -4.50 -7.53 27.97
C VAL B 112 -3.36 -7.58 28.98
N GLU B 113 -2.81 -8.76 29.23
CA GLU B 113 -1.59 -8.88 29.99
C GLU B 113 -0.52 -9.40 29.07
N ALA B 114 0.69 -8.86 29.23
CA ALA B 114 1.83 -9.24 28.38
C ALA B 114 3.07 -8.89 29.17
N LEU B 115 4.23 -9.08 28.56
CA LEU B 115 5.47 -8.51 29.08
C LEU B 115 5.94 -7.44 28.12
N ASP B 116 6.63 -6.39 28.63
CA ASP B 116 7.24 -5.38 27.74
C ASP B 116 8.57 -5.92 27.23
N ARG B 117 9.32 -5.14 26.47
CA ARG B 117 10.48 -5.70 25.79
C ARG B 117 11.61 -6.01 26.75
N GLU B 118 11.51 -5.49 27.97
CA GLU B 118 12.47 -5.74 29.03
CA GLU B 118 12.48 -5.75 29.03
C GLU B 118 12.05 -6.94 29.89
N GLY B 119 10.89 -7.52 29.56
CA GLY B 119 10.35 -8.65 30.31
C GLY B 119 9.53 -8.29 31.55
N LYS B 120 9.14 -7.03 31.72
CA LYS B 120 8.37 -6.62 32.88
CA LYS B 120 8.37 -6.57 32.87
C LYS B 120 6.89 -6.79 32.60
N PRO B 121 6.13 -7.23 33.61
CA PRO B 121 4.71 -7.38 33.35
C PRO B 121 4.07 -6.07 32.95
N LEU B 122 3.09 -6.19 32.06
CA LEU B 122 2.35 -5.08 31.51
C LEU B 122 0.88 -5.46 31.61
N ARG B 123 0.03 -4.56 32.09
CA ARG B 123 -1.41 -4.78 32.02
C ARG B 123 -1.96 -3.56 31.35
N ILE B 124 -2.65 -3.76 30.24
CA ILE B 124 -3.18 -2.66 29.49
C ILE B 124 -4.69 -2.82 29.51
N GLU B 125 -5.37 -1.82 30.07
CA GLU B 125 -6.80 -1.76 30.09
C GLU B 125 -7.20 -0.54 29.23
N THR B 126 -8.01 -0.75 28.19
CA THR B 126 -8.30 0.32 27.25
C THR B 126 -9.63 0.15 26.56
N SER B 127 -10.28 1.28 26.32
CA SER B 127 -11.51 1.36 25.53
C SER B 127 -11.33 2.20 24.26
N ASP B 128 -10.07 2.48 23.92
CA ASP B 128 -9.74 3.21 22.71
CA ASP B 128 -9.74 3.25 22.69
C ASP B 128 -9.49 2.28 21.54
N PHE B 129 -9.05 2.83 20.42
CA PHE B 129 -8.77 2.05 19.25
C PHE B 129 -7.73 0.99 19.51
N LEU B 130 -6.82 1.25 20.43
CA LEU B 130 -5.87 0.24 20.86
C LEU B 130 -6.48 -1.14 21.21
N ALA B 131 -7.65 -1.15 21.83
CA ALA B 131 -8.33 -2.40 22.15
C ALA B 131 -8.52 -3.26 20.93
N ILE B 132 -8.99 -2.65 19.84
CA ILE B 132 -9.25 -3.36 18.58
C ILE B 132 -7.93 -3.88 18.02
N VAL B 133 -6.92 -3.01 17.98
CA VAL B 133 -5.62 -3.38 17.43
C VAL B 133 -5.02 -4.52 18.20
N MET B 134 -5.02 -4.46 19.54
CA MET B 134 -4.43 -5.57 20.30
C MET B 134 -5.11 -6.88 20.00
N GLN B 135 -6.43 -6.90 19.95
CA GLN B 135 -7.17 -8.12 19.67
C GLN B 135 -6.80 -8.66 18.29
N HIS B 136 -6.68 -7.77 17.31
CA HIS B 136 -6.33 -8.17 15.96
C HIS B 136 -4.94 -8.84 15.98
N GLU B 137 -3.97 -8.17 16.61
CA GLU B 137 -2.59 -8.63 16.61
C GLU B 137 -2.47 -9.90 17.43
N ILE B 138 -3.10 -9.94 18.59
CA ILE B 138 -3.05 -11.14 19.40
C ILE B 138 -3.66 -12.36 18.64
N ASP B 139 -4.71 -12.15 17.85
CA ASP B 139 -5.31 -13.19 17.06
C ASP B 139 -4.28 -13.80 16.11
N HIS B 140 -3.39 -13.00 15.58
CA HIS B 140 -2.34 -13.57 14.68
C HIS B 140 -1.56 -14.67 15.37
N LEU B 141 -1.37 -14.56 16.69
CA LEU B 141 -0.51 -15.47 17.42
C LEU B 141 -1.19 -16.81 17.63
N SER B 142 -2.51 -16.82 17.43
CA SER B 142 -3.29 -18.01 17.37
C SER B 142 -3.48 -18.52 15.96
N GLY B 143 -2.75 -17.95 14.99
CA GLY B 143 -2.95 -18.34 13.60
C GLY B 143 -4.27 -17.91 12.98
N ASN B 144 -4.86 -16.85 13.49
CA ASN B 144 -6.10 -16.32 12.99
C ASN B 144 -5.93 -15.00 12.24
N LEU B 145 -6.66 -14.85 11.12
CA LEU B 145 -6.71 -13.64 10.33
C LEU B 145 -8.09 -13.07 10.49
N PHE B 146 -8.25 -11.78 10.28
CA PHE B 146 -9.51 -11.17 10.62
C PHE B 146 -10.60 -11.68 9.66
N ILE B 147 -10.22 -12.04 8.45
CA ILE B 147 -11.18 -12.51 7.48
C ILE B 147 -11.83 -13.83 7.93
N ASP B 148 -11.21 -14.55 8.87
CA ASP B 148 -11.75 -15.81 9.36
C ASP B 148 -13.13 -15.67 9.98
N TYR B 149 -13.44 -14.46 10.46
CA TYR B 149 -14.71 -14.17 11.08
C TYR B 149 -15.82 -13.82 10.05
N LEU B 150 -15.46 -13.65 8.79
CA LEU B 150 -16.36 -13.17 7.78
C LEU B 150 -17.11 -14.31 7.11
N SER B 151 -18.19 -13.98 6.45
CA SER B 151 -18.90 -14.98 5.61
C SER B 151 -17.92 -15.65 4.64
N PRO B 152 -18.23 -16.88 4.24
CA PRO B 152 -17.47 -17.53 3.19
C PRO B 152 -17.30 -16.70 1.93
N LEU B 153 -18.34 -16.00 1.50
CA LEU B 153 -18.21 -15.19 0.32
C LEU B 153 -17.16 -14.07 0.49
N LYS B 154 -17.28 -13.34 1.59
CA LYS B 154 -16.28 -12.32 1.87
C LYS B 154 -14.86 -12.87 1.94
N GLN B 155 -14.70 -14.03 2.53
CA GLN B 155 -13.38 -14.62 2.60
C GLN B 155 -12.88 -14.89 1.20
N GLN B 156 -13.74 -15.43 0.34
CA GLN B 156 -13.36 -15.66 -1.04
C GLN B 156 -12.96 -14.35 -1.76
N MET B 157 -13.75 -13.32 -1.54
CA MET B 157 -13.47 -12.03 -2.14
C MET B 157 -12.12 -11.49 -1.67
N ALA B 158 -11.83 -11.65 -0.38
CA ALA B 158 -10.59 -11.17 0.19
C ALA B 158 -9.42 -11.88 -0.51
N MET B 159 -9.50 -13.19 -0.63
CA MET B 159 -8.37 -13.93 -1.22
C MET B 159 -8.14 -13.53 -2.68
N LYS B 160 -9.24 -13.25 -3.42
CA LYS B 160 -9.16 -12.84 -4.78
C LYS B 160 -8.50 -11.43 -4.86
N LYS B 161 -8.85 -10.55 -3.93
CA LYS B 161 -8.25 -9.20 -3.93
C LYS B 161 -6.77 -9.28 -3.64
N VAL B 162 -6.40 -10.08 -2.65
CA VAL B 162 -4.97 -10.22 -2.29
C VAL B 162 -4.21 -10.71 -3.51
N LYS B 163 -4.76 -11.71 -4.19
CA LYS B 163 -4.09 -12.23 -5.40
C LYS B 163 -3.90 -11.19 -6.48
N LYS B 164 -4.91 -10.35 -6.73
CA LYS B 164 -4.77 -9.31 -7.70
C LYS B 164 -3.61 -8.37 -7.31
N HIS B 165 -3.58 -7.96 -6.04
CA HIS B 165 -2.56 -7.05 -5.53
C HIS B 165 -1.18 -7.70 -5.75
N VAL B 166 -1.08 -8.97 -5.40
CA VAL B 166 0.21 -9.68 -5.48
C VAL B 166 0.66 -9.86 -6.94
N LYS B 167 -0.26 -10.14 -7.85
CA LYS B 167 0.07 -10.37 -9.23
C LYS B 167 0.20 -9.11 -10.05
N ASN B 168 -0.32 -7.98 -9.55
CA ASN B 168 -0.31 -6.78 -10.35
C ASN B 168 1.10 -6.23 -10.54
N ARG B 169 1.35 -5.62 -11.68
CA ARG B 169 2.62 -4.94 -11.99
CA ARG B 169 2.61 -4.90 -11.84
C ARG B 169 2.39 -3.41 -12.20
N ALA B 170 1.49 -3.08 -13.09
CA ALA B 170 1.29 -1.64 -13.43
C ALA B 170 0.62 -0.83 -12.28
N ARG B 171 1.36 0.10 -11.66
CA ARG B 171 0.80 1.06 -10.69
C ARG B 171 1.42 2.41 -11.01
#